data_5MTM
#
_entry.id   5MTM
#
_cell.length_a   81.834
_cell.length_b   81.834
_cell.length_c   105.961
_cell.angle_alpha   90.00
_cell.angle_beta   90.00
_cell.angle_gamma   90.00
#
_symmetry.space_group_name_H-M   'P 41 21 2'
#
loop_
_entity.id
_entity.type
_entity.pdbx_description
1 polymer 'Tyrosine-protein kinase Lck'
2 polymer 'Monobody Mb(Lck_3)'
3 non-polymer 'ZINC ION'
4 water water
#
loop_
_entity_poly.entity_id
_entity_poly.type
_entity_poly.pdbx_seq_one_letter_code
_entity_poly.pdbx_strand_id
1 'polypeptide(L)'
;GSKANSLEPEPWFFKNLSRKDAERQLLAPGNTHGSFLIRESESTAGSFSLSVRDFDQNQGEVVKHYKIRNLDNGGFYISP
RITFPGLHELVRHYTNASDGLCTRLSRPCQTQKPQK
;
A
2 'polypeptide(L)'
;GSVSSVPTKLEVVAATPTSLLISWDAPAVTVLYYLITYGETGDHWSGHQAFEVPGSKSTATISGLKPGVDYTITVYAHAE
SYGESYSPISINYRT
;
B
#
# COMPACT_ATOMS: atom_id res chain seq x y z
N ALA A 4 6.38 17.16 -8.49
CA ALA A 4 6.45 18.52 -9.04
C ALA A 4 7.56 18.63 -10.10
N ASN A 5 7.61 17.61 -10.98
CA ASN A 5 8.62 17.37 -12.03
C ASN A 5 9.96 16.91 -11.48
N SER A 6 10.04 16.62 -10.18
CA SER A 6 11.27 16.23 -9.53
C SER A 6 11.57 14.76 -9.71
N LEU A 7 10.73 13.99 -10.44
CA LEU A 7 11.00 12.56 -10.62
C LEU A 7 11.88 12.26 -11.82
N GLU A 8 11.81 13.07 -12.89
CA GLU A 8 12.60 12.80 -14.09
C GLU A 8 14.11 12.69 -13.84
N PRO A 9 14.75 13.45 -12.94
CA PRO A 9 16.19 13.19 -12.69
C PRO A 9 16.47 11.97 -11.80
N GLU A 10 15.47 11.33 -11.21
CA GLU A 10 15.74 10.25 -10.26
C GLU A 10 16.21 8.98 -10.99
N PRO A 11 17.31 8.38 -10.58
CA PRO A 11 17.79 7.16 -11.27
C PRO A 11 16.85 5.96 -11.11
N TRP A 12 15.99 5.95 -10.09
CA TRP A 12 15.04 4.87 -9.86
C TRP A 12 13.68 5.09 -10.53
N PHE A 13 13.44 6.24 -11.16
CA PHE A 13 12.17 6.49 -11.84
C PHE A 13 12.27 6.09 -13.31
N PHE A 14 11.25 5.36 -13.79
CA PHE A 14 11.14 4.92 -15.18
C PHE A 14 9.76 5.33 -15.69
N LYS A 15 9.75 6.28 -16.63
N LYS A 15 9.72 6.17 -16.73
CA LYS A 15 8.54 6.69 -17.32
CA LYS A 15 8.52 6.82 -17.28
C LYS A 15 8.19 5.68 -18.41
C LYS A 15 7.31 5.90 -17.52
N ASN A 16 6.92 5.74 -18.80
CA ASN A 16 6.07 4.63 -19.28
C ASN A 16 6.81 3.30 -19.34
N LEU A 17 6.71 2.51 -18.27
CA LEU A 17 7.33 1.20 -18.17
C LEU A 17 6.28 0.22 -17.67
N SER A 18 6.05 -0.84 -18.41
CA SER A 18 5.00 -1.77 -18.02
C SER A 18 5.49 -2.72 -16.90
N ARG A 19 4.54 -3.39 -16.24
CA ARG A 19 4.90 -4.36 -15.22
C ARG A 19 5.88 -5.40 -15.76
N LYS A 20 5.64 -5.89 -16.98
CA LYS A 20 6.50 -6.94 -17.50
C LYS A 20 7.85 -6.41 -17.97
N ASP A 21 7.85 -5.19 -18.52
CA ASP A 21 9.13 -4.52 -18.83
C ASP A 21 9.92 -4.19 -17.55
N ALA A 22 9.22 -3.85 -16.45
CA ALA A 22 9.90 -3.72 -15.17
C ALA A 22 10.55 -5.04 -14.74
N GLU A 23 9.87 -6.17 -14.99
CA GLU A 23 10.49 -7.43 -14.60
C GLU A 23 11.73 -7.75 -15.43
N ARG A 24 11.66 -7.61 -16.77
CA ARG A 24 12.85 -7.88 -17.58
C ARG A 24 13.95 -6.86 -17.31
N GLN A 25 13.58 -5.62 -16.98
CA GLN A 25 14.57 -4.62 -16.60
C GLN A 25 15.30 -5.01 -15.31
N LEU A 26 14.54 -5.42 -14.29
CA LEU A 26 15.15 -5.79 -13.01
C LEU A 26 15.82 -7.17 -13.02
N LEU A 27 15.60 -7.99 -14.06
CA LEU A 27 16.30 -9.26 -14.22
C LEU A 27 17.50 -9.17 -15.16
N ALA A 28 17.71 -8.00 -15.80
CA ALA A 28 18.90 -7.75 -16.61
C ALA A 28 20.16 -7.90 -15.77
N PRO A 29 21.31 -8.21 -16.40
CA PRO A 29 22.52 -8.39 -15.60
C PRO A 29 22.89 -7.09 -14.92
N GLY A 30 23.47 -7.20 -13.71
CA GLY A 30 23.82 -6.04 -12.91
C GLY A 30 22.90 -5.72 -11.75
N ASN A 31 21.85 -6.51 -11.53
CA ASN A 31 20.89 -6.31 -10.46
C ASN A 31 20.91 -7.49 -9.51
N THR A 32 20.46 -7.25 -8.27
CA THR A 32 20.31 -8.34 -7.32
C THR A 32 19.25 -7.90 -6.31
N HIS A 33 19.02 -8.71 -5.28
CA HIS A 33 18.00 -8.36 -4.29
C HIS A 33 18.19 -6.91 -3.86
N GLY A 34 17.09 -6.19 -3.74
CA GLY A 34 17.16 -4.79 -3.40
C GLY A 34 17.11 -3.86 -4.59
N SER A 35 17.53 -4.32 -5.77
CA SER A 35 17.40 -3.48 -6.97
C SER A 35 15.93 -3.12 -7.18
N PHE A 36 15.68 -1.83 -7.45
CA PHE A 36 14.31 -1.39 -7.48
C PHE A 36 14.11 -0.27 -8.50
N LEU A 37 12.85 -0.07 -8.85
CA LEU A 37 12.44 1.05 -9.68
C LEU A 37 11.04 1.40 -9.25
N ILE A 38 10.68 2.65 -9.46
CA ILE A 38 9.30 3.10 -9.41
C ILE A 38 8.90 3.42 -10.85
N ARG A 39 7.70 3.01 -11.24
CA ARG A 39 7.21 3.23 -12.59
C ARG A 39 5.82 3.86 -12.51
N GLU A 40 5.52 4.69 -13.48
CA GLU A 40 4.17 5.21 -13.60
C GLU A 40 3.34 4.26 -14.44
N SER A 41 2.06 4.14 -14.10
CA SER A 41 1.21 3.27 -14.91
C SER A 41 0.98 3.93 -16.28
N GLU A 42 0.99 3.09 -17.32
CA GLU A 42 0.91 3.61 -18.68
C GLU A 42 -0.50 4.09 -19.02
N SER A 43 -1.52 3.43 -18.47
CA SER A 43 -2.91 3.88 -18.64
C SER A 43 -3.23 5.12 -17.79
N THR A 44 -3.17 4.98 -16.45
CA THR A 44 -3.59 6.01 -15.50
C THR A 44 -2.38 6.83 -15.03
N ALA A 45 -2.20 8.02 -15.62
CA ALA A 45 -1.15 8.92 -15.14
C ALA A 45 -1.36 9.26 -13.67
N GLY A 46 -0.26 9.39 -12.93
CA GLY A 46 -0.30 9.69 -11.51
C GLY A 46 -0.40 8.49 -10.56
N SER A 47 -0.54 7.27 -11.07
CA SER A 47 -0.56 6.08 -10.21
C SER A 47 0.73 5.30 -10.43
N PHE A 48 1.48 5.09 -9.36
CA PHE A 48 2.81 4.53 -9.43
C PHE A 48 2.86 3.13 -8.81
N SER A 49 3.88 2.37 -9.23
CA SER A 49 4.21 1.09 -8.66
C SER A 49 5.67 1.05 -8.27
N LEU A 50 5.96 0.24 -7.23
CA LEU A 50 7.32 -0.09 -6.84
C LEU A 50 7.63 -1.53 -7.28
N SER A 51 8.65 -1.70 -8.09
CA SER A 51 9.09 -3.04 -8.48
C SER A 51 10.45 -3.28 -7.86
N VAL A 52 10.62 -4.47 -7.29
CA VAL A 52 11.84 -4.75 -6.55
C VAL A 52 12.31 -6.18 -6.84
N ARG A 53 13.57 -6.31 -7.19
CA ARG A 53 14.22 -7.60 -7.25
C ARG A 53 14.30 -8.20 -5.85
N ASP A 54 13.66 -9.35 -5.68
CA ASP A 54 13.53 -10.06 -4.42
C ASP A 54 14.67 -11.07 -4.26
N PHE A 55 14.77 -11.64 -3.06
CA PHE A 55 15.50 -12.90 -2.84
C PHE A 55 15.03 -14.01 -3.80
N ASP A 56 16.00 -14.78 -4.32
CA ASP A 56 15.72 -15.98 -5.12
C ASP A 56 14.69 -16.87 -4.42
N GLN A 57 13.91 -17.58 -5.23
CA GLN A 57 13.05 -18.66 -4.75
C GLN A 57 13.35 -19.89 -5.59
N ASN A 58 13.75 -20.98 -4.92
CA ASN A 58 14.02 -22.27 -5.54
C ASN A 58 15.01 -22.13 -6.70
N GLN A 59 16.11 -21.44 -6.43
CA GLN A 59 17.18 -21.10 -7.38
C GLN A 59 16.71 -20.26 -8.58
N GLY A 60 15.45 -19.81 -8.58
CA GLY A 60 14.92 -18.93 -9.62
C GLY A 60 14.85 -17.48 -9.15
N GLU A 61 15.07 -16.56 -10.09
CA GLU A 61 14.99 -15.14 -9.79
C GLU A 61 13.54 -14.69 -9.58
N VAL A 62 13.35 -13.72 -8.67
CA VAL A 62 12.02 -13.20 -8.32
C VAL A 62 12.04 -11.67 -8.38
N VAL A 63 10.92 -11.11 -8.86
CA VAL A 63 10.64 -9.69 -8.88
C VAL A 63 9.24 -9.53 -8.28
N LYS A 64 9.10 -8.69 -7.25
CA LYS A 64 7.82 -8.34 -6.67
C LYS A 64 7.37 -6.93 -7.09
N HIS A 65 6.07 -6.69 -6.94
CA HIS A 65 5.44 -5.43 -7.30
C HIS A 65 4.55 -5.00 -6.15
N TYR A 66 4.54 -3.69 -5.87
CA TYR A 66 3.66 -3.09 -4.86
C TYR A 66 2.96 -1.89 -5.50
N LYS A 67 1.64 -1.77 -5.28
CA LYS A 67 0.92 -0.57 -5.67
C LYS A 67 1.30 0.53 -4.69
N ILE A 68 1.76 1.67 -5.21
CA ILE A 68 1.79 2.89 -4.40
C ILE A 68 0.41 3.53 -4.50
N ARG A 69 -0.22 3.78 -3.36
CA ARG A 69 -1.56 4.34 -3.33
C ARG A 69 -1.51 5.84 -3.03
N ASN A 70 -2.55 6.55 -3.45
CA ASN A 70 -2.58 8.02 -3.42
C ASN A 70 -3.44 8.53 -2.27
N LEU A 71 -2.88 9.39 -1.43
CA LEU A 71 -3.72 10.05 -0.44
C LEU A 71 -4.50 11.21 -1.07
N ASP A 72 -5.63 11.54 -0.44
CA ASP A 72 -6.40 12.70 -0.92
C ASP A 72 -5.59 13.99 -0.83
N ASN A 73 -4.73 14.12 0.20
CA ASN A 73 -3.83 15.24 0.44
C ASN A 73 -2.58 15.24 -0.48
N GLY A 74 -2.53 14.36 -1.48
CA GLY A 74 -1.38 14.32 -2.37
C GLY A 74 -0.26 13.38 -1.98
N GLY A 75 -0.19 12.92 -0.73
CA GLY A 75 0.84 11.98 -0.34
C GLY A 75 0.68 10.58 -0.96
N PHE A 76 1.54 9.67 -0.53
CA PHE A 76 1.60 8.31 -1.05
C PHE A 76 1.83 7.35 0.10
N TYR A 77 1.44 6.08 -0.13
CA TYR A 77 1.80 5.02 0.81
C TYR A 77 1.72 3.67 0.11
N ILE A 78 2.53 2.73 0.59
CA ILE A 78 2.43 1.32 0.21
C ILE A 78 1.66 0.52 1.27
N SER A 79 2.11 0.60 2.58
CA SER A 79 1.44 0.11 3.79
C SER A 79 0.70 1.25 4.47
N PRO A 80 -0.55 1.03 4.88
CA PRO A 80 -1.31 2.10 5.56
C PRO A 80 -0.76 2.49 6.91
N ARG A 81 0.26 1.79 7.42
CA ARG A 81 0.86 2.11 8.70
C ARG A 81 1.77 3.34 8.63
N ILE A 82 2.33 3.65 7.45
CA ILE A 82 3.15 4.85 7.28
C ILE A 82 2.86 5.49 5.91
N THR A 83 2.59 6.80 5.93
CA THR A 83 2.33 7.60 4.72
C THR A 83 3.41 8.65 4.54
N PHE A 84 3.67 9.04 3.29
CA PHE A 84 4.77 9.91 2.93
C PHE A 84 4.29 11.06 2.06
N PRO A 85 4.96 12.23 2.17
CA PRO A 85 4.52 13.43 1.38
C PRO A 85 4.84 13.30 -0.10
N GLY A 86 5.89 12.57 -0.48
CA GLY A 86 6.18 12.29 -1.87
C GLY A 86 6.93 10.98 -2.04
N LEU A 87 7.17 10.63 -3.30
CA LEU A 87 7.94 9.43 -3.62
C LEU A 87 9.36 9.49 -3.05
N HIS A 88 9.95 10.69 -2.94
CA HIS A 88 11.34 10.80 -2.46
C HIS A 88 11.48 10.29 -1.03
N GLU A 89 10.54 10.70 -0.15
CA GLU A 89 10.54 10.23 1.23
C GLU A 89 10.17 8.75 1.31
N LEU A 90 9.21 8.31 0.49
CA LEU A 90 8.89 6.89 0.43
C LEU A 90 10.14 6.06 0.10
N VAL A 91 10.93 6.51 -0.89
CA VAL A 91 12.09 5.75 -1.32
C VAL A 91 13.17 5.74 -0.23
N ARG A 92 13.42 6.89 0.44
CA ARG A 92 14.46 6.87 1.47
C ARG A 92 14.03 6.03 2.67
N HIS A 93 12.74 6.08 3.05
CA HIS A 93 12.27 5.22 4.14
C HIS A 93 12.53 3.76 3.83
N TYR A 94 12.10 3.27 2.65
CA TYR A 94 12.33 1.85 2.38
C TYR A 94 13.76 1.51 1.99
N THR A 95 14.61 2.52 1.76
CA THR A 95 16.06 2.29 1.67
C THR A 95 16.72 2.12 3.06
N ASN A 96 16.16 2.77 4.10
CA ASN A 96 16.68 2.55 5.46
C ASN A 96 16.26 1.17 6.01
N ALA A 97 15.05 0.71 5.73
CA ALA A 97 14.63 -0.60 6.25
C ALA A 97 13.57 -1.17 5.33
N SER A 98 13.59 -2.52 5.21
CA SER A 98 12.54 -3.22 4.49
C SER A 98 11.15 -2.90 5.08
N ASP A 99 11.04 -2.82 6.40
CA ASP A 99 9.78 -2.41 7.06
C ASP A 99 8.56 -3.01 6.36
N GLY A 100 8.61 -4.32 6.16
CA GLY A 100 7.46 -5.07 5.66
C GLY A 100 7.53 -5.39 4.18
N LEU A 101 8.49 -4.81 3.44
CA LEU A 101 8.69 -5.16 2.05
C LEU A 101 9.58 -6.38 1.98
N CYS A 102 9.57 -7.05 0.82
CA CYS A 102 10.31 -8.30 0.70
C CYS A 102 11.79 -8.13 1.06
N THR A 103 12.34 -6.95 0.81
CA THR A 103 13.77 -6.70 0.92
C THR A 103 13.98 -5.19 1.04
N ARG A 104 15.09 -4.80 1.66
CA ARG A 104 15.44 -3.38 1.74
C ARG A 104 15.75 -2.85 0.34
N LEU A 105 15.24 -1.66 0.02
CA LEU A 105 15.66 -1.05 -1.25
C LEU A 105 17.15 -0.74 -1.20
N SER A 106 17.93 -1.27 -2.11
CA SER A 106 19.37 -1.12 -1.97
C SER A 106 20.05 -0.38 -3.11
N ARG A 107 19.55 -0.50 -4.34
CA ARG A 107 20.22 0.11 -5.52
C ARG A 107 19.19 0.36 -6.62
N PRO A 108 19.20 1.52 -7.26
CA PRO A 108 18.37 1.66 -8.47
C PRO A 108 18.68 0.59 -9.51
N CYS A 109 17.64 0.26 -10.28
CA CYS A 109 17.77 -0.72 -11.34
C CYS A 109 18.83 -0.28 -12.34
N GLN A 110 19.81 -1.13 -12.57
CA GLN A 110 20.90 -0.81 -13.49
C GLN A 110 20.53 -1.21 -14.90
N THR A 111 20.70 -0.26 -15.83
CA THR A 111 20.33 -0.40 -17.25
C THR A 111 21.52 -0.81 -18.16
N SER B 4 -2.82 -0.47 23.06
CA SER B 4 -4.22 -0.26 22.68
C SER B 4 -4.32 0.44 21.31
N SER B 5 -5.43 0.21 20.58
CA SER B 5 -5.60 0.64 19.20
C SER B 5 -6.44 1.92 19.10
N VAL B 6 -6.29 2.62 17.96
CA VAL B 6 -7.18 3.69 17.54
C VAL B 6 -7.61 3.41 16.10
N PRO B 7 -8.92 3.37 15.83
CA PRO B 7 -10.07 3.47 16.75
C PRO B 7 -10.26 2.21 17.62
N THR B 8 -11.39 2.13 18.32
CA THR B 8 -11.78 0.93 19.07
C THR B 8 -13.17 0.47 18.63
N LYS B 9 -13.48 -0.82 18.91
CA LYS B 9 -14.82 -1.39 18.66
C LYS B 9 -15.16 -1.37 17.16
N LEU B 10 -14.22 -1.82 16.34
CA LEU B 10 -14.58 -2.09 14.95
C LEU B 10 -15.60 -3.26 14.91
N GLU B 11 -16.75 -3.04 14.26
CA GLU B 11 -17.78 -4.06 14.10
C GLU B 11 -18.47 -3.82 12.76
N VAL B 12 -18.88 -4.91 12.12
CA VAL B 12 -19.86 -4.86 11.05
C VAL B 12 -21.21 -4.47 11.65
N VAL B 13 -21.98 -3.66 10.93
CA VAL B 13 -23.33 -3.30 11.38
C VAL B 13 -24.37 -3.51 10.29
N ALA B 14 -23.98 -4.00 9.13
CA ALA B 14 -24.89 -4.34 8.05
C ALA B 14 -24.11 -5.16 7.04
N ALA B 15 -24.81 -6.06 6.36
CA ALA B 15 -24.19 -6.99 5.42
C ALA B 15 -25.17 -7.36 4.31
N THR B 16 -24.65 -7.49 3.08
CA THR B 16 -25.35 -8.10 1.96
C THR B 16 -24.36 -9.12 1.41
N PRO B 17 -24.70 -9.93 0.41
CA PRO B 17 -23.70 -10.91 -0.08
C PRO B 17 -22.47 -10.26 -0.70
N THR B 18 -22.56 -8.98 -1.10
CA THR B 18 -21.48 -8.29 -1.81
C THR B 18 -21.00 -7.00 -1.12
N SER B 19 -21.48 -6.68 0.08
CA SER B 19 -21.01 -5.46 0.74
C SER B 19 -21.12 -5.61 2.25
N LEU B 20 -20.38 -4.76 2.97
CA LEU B 20 -20.39 -4.69 4.43
C LEU B 20 -20.38 -3.22 4.84
N LEU B 21 -21.17 -2.86 5.84
CA LEU B 21 -21.02 -1.56 6.49
C LEU B 21 -20.29 -1.79 7.81
N ILE B 22 -19.23 -1.01 8.07
CA ILE B 22 -18.51 -1.09 9.34
C ILE B 22 -18.66 0.23 10.06
N SER B 23 -18.62 0.15 11.39
CA SER B 23 -18.67 1.29 12.29
C SER B 23 -17.65 1.05 13.39
N TRP B 24 -17.18 2.13 14.02
CA TRP B 24 -16.24 2.06 15.14
C TRP B 24 -16.49 3.21 16.12
N ASP B 25 -16.04 3.01 17.36
CA ASP B 25 -16.15 4.02 18.42
C ASP B 25 -15.34 5.25 18.03
N ALA B 26 -16.02 6.41 17.92
CA ALA B 26 -15.33 7.67 17.67
C ALA B 26 -14.19 7.89 18.69
N PRO B 27 -12.97 8.14 18.22
CA PRO B 27 -11.84 8.32 19.12
C PRO B 27 -11.75 9.73 19.71
N ALA B 28 -11.17 9.77 20.93
CA ALA B 28 -10.89 11.05 21.60
C ALA B 28 -9.74 11.78 20.91
N VAL B 29 -8.66 11.06 20.59
CA VAL B 29 -7.50 11.64 19.93
C VAL B 29 -7.87 12.18 18.53
N THR B 30 -7.00 13.06 18.00
CA THR B 30 -7.22 13.64 16.69
C THR B 30 -7.00 12.63 15.57
N VAL B 31 -7.87 12.66 14.56
CA VAL B 31 -7.67 11.83 13.38
C VAL B 31 -7.99 12.68 12.16
N LEU B 32 -6.99 12.85 11.29
CA LEU B 32 -7.25 13.51 10.01
C LEU B 32 -7.88 12.57 9.01
N TYR B 33 -7.41 11.32 8.94
CA TYR B 33 -7.96 10.40 7.95
C TYR B 33 -7.68 8.95 8.38
N TYR B 34 -8.62 8.09 7.99
CA TYR B 34 -8.45 6.66 8.14
C TYR B 34 -8.06 6.09 6.79
N LEU B 35 -7.21 5.05 6.84
CA LEU B 35 -6.98 4.15 5.73
C LEU B 35 -7.57 2.78 6.10
N ILE B 36 -8.43 2.25 5.23
CA ILE B 36 -9.11 0.99 5.47
C ILE B 36 -8.67 0.01 4.39
N THR B 37 -8.18 -1.16 4.81
CA THR B 37 -7.82 -2.25 3.90
C THR B 37 -8.78 -3.43 4.08
N TYR B 38 -9.02 -4.14 3.00
CA TYR B 38 -9.85 -5.33 3.09
C TYR B 38 -9.36 -6.34 2.05
N GLY B 39 -9.47 -7.62 2.40
CA GLY B 39 -9.14 -8.66 1.43
C GLY B 39 -9.38 -10.03 2.06
N GLU B 40 -9.46 -11.03 1.18
CA GLU B 40 -9.70 -12.39 1.68
C GLU B 40 -8.64 -12.78 2.72
N THR B 41 -9.10 -13.20 3.89
CA THR B 41 -8.21 -13.75 4.89
C THR B 41 -7.28 -14.81 4.28
N GLY B 42 -6.00 -14.76 4.63
CA GLY B 42 -4.99 -15.56 4.00
C GLY B 42 -4.23 -14.90 2.85
N ASP B 43 -4.86 -14.00 2.11
CA ASP B 43 -4.15 -13.33 1.03
C ASP B 43 -3.05 -12.42 1.60
N HIS B 44 -1.97 -12.28 0.85
CA HIS B 44 -0.90 -11.42 1.32
C HIS B 44 -1.37 -9.96 1.27
N TRP B 45 -0.94 -9.17 2.27
CA TRP B 45 -1.44 -7.81 2.48
C TRP B 45 -1.25 -6.95 1.23
N SER B 46 -0.17 -7.19 0.47
CA SER B 46 0.12 -6.38 -0.72
C SER B 46 -0.91 -6.56 -1.84
N GLY B 47 -1.89 -7.45 -1.69
CA GLY B 47 -2.94 -7.60 -2.68
C GLY B 47 -4.27 -7.06 -2.19
N HIS B 48 -4.33 -6.59 -0.93
CA HIS B 48 -5.58 -6.08 -0.38
C HIS B 48 -6.03 -4.81 -1.11
N GLN B 49 -7.33 -4.54 -1.05
CA GLN B 49 -7.84 -3.25 -1.46
C GLN B 49 -7.73 -2.26 -0.31
N ALA B 50 -7.73 -0.98 -0.66
CA ALA B 50 -7.54 0.07 0.33
C ALA B 50 -8.18 1.35 -0.16
N PHE B 51 -8.70 2.11 0.79
CA PHE B 51 -9.32 3.38 0.46
C PHE B 51 -9.28 4.24 1.72
N GLU B 52 -9.48 5.54 1.52
CA GLU B 52 -9.35 6.55 2.56
C GLU B 52 -10.71 7.11 2.95
N VAL B 53 -10.94 7.32 4.24
CA VAL B 53 -12.16 8.02 4.65
C VAL B 53 -11.72 9.17 5.55
N PRO B 54 -12.43 10.31 5.55
CA PRO B 54 -11.99 11.46 6.35
C PRO B 54 -12.15 11.22 7.85
N GLY B 55 -11.24 11.83 8.61
CA GLY B 55 -11.17 11.64 10.07
C GLY B 55 -12.43 12.00 10.83
N SER B 56 -13.43 12.60 10.16
CA SER B 56 -14.69 12.94 10.80
C SER B 56 -15.74 11.84 10.68
N LYS B 57 -15.59 10.90 9.73
CA LYS B 57 -16.52 9.78 9.64
C LYS B 57 -16.13 8.70 10.64
N SER B 58 -17.12 7.94 11.10
CA SER B 58 -16.88 6.80 11.99
C SER B 58 -17.49 5.52 11.44
N THR B 59 -17.85 5.51 10.17
CA THR B 59 -18.41 4.36 9.48
C THR B 59 -17.79 4.33 8.09
N ALA B 60 -17.95 3.19 7.40
CA ALA B 60 -17.50 3.07 6.02
C ALA B 60 -18.21 1.91 5.39
N THR B 61 -18.38 1.98 4.07
CA THR B 61 -19.02 0.94 3.29
C THR B 61 -17.96 0.28 2.43
N ILE B 62 -17.97 -1.06 2.40
CA ILE B 62 -17.07 -1.83 1.55
C ILE B 62 -17.95 -2.63 0.59
N SER B 63 -17.76 -2.42 -0.72
CA SER B 63 -18.66 -2.99 -1.71
C SER B 63 -17.85 -3.73 -2.78
N GLY B 64 -18.56 -4.41 -3.68
CA GLY B 64 -17.88 -5.18 -4.70
C GLY B 64 -17.25 -6.46 -4.17
N LEU B 65 -17.78 -7.04 -3.11
CA LEU B 65 -17.22 -8.24 -2.50
C LEU B 65 -17.81 -9.48 -3.17
N LYS B 66 -17.13 -10.63 -3.01
CA LYS B 66 -17.74 -11.85 -3.52
C LYS B 66 -18.40 -12.62 -2.38
N PRO B 67 -19.59 -13.22 -2.60
CA PRO B 67 -20.29 -13.88 -1.49
C PRO B 67 -19.56 -15.14 -1.05
N GLY B 68 -19.78 -15.51 0.23
CA GLY B 68 -19.16 -16.69 0.80
C GLY B 68 -17.66 -16.65 0.99
N VAL B 69 -17.08 -15.46 1.19
CA VAL B 69 -15.62 -15.29 1.32
C VAL B 69 -15.31 -14.69 2.69
N ASP B 70 -14.22 -15.15 3.30
CA ASP B 70 -13.74 -14.55 4.54
C ASP B 70 -12.84 -13.36 4.25
N TYR B 71 -13.27 -12.18 4.72
CA TYR B 71 -12.55 -10.93 4.57
C TYR B 71 -11.92 -10.52 5.90
N THR B 72 -10.67 -10.05 5.84
CA THR B 72 -10.04 -9.30 6.92
C THR B 72 -10.06 -7.80 6.58
N ILE B 73 -10.60 -7.01 7.52
CA ILE B 73 -10.85 -5.57 7.40
C ILE B 73 -10.04 -4.86 8.48
N THR B 74 -9.16 -3.93 8.06
CA THR B 74 -8.28 -3.25 9.00
C THR B 74 -8.36 -1.74 8.84
N VAL B 75 -8.45 -1.04 9.97
CA VAL B 75 -8.65 0.41 10.00
C VAL B 75 -7.40 0.98 10.64
N TYR B 76 -6.76 1.91 9.92
CA TYR B 76 -5.53 2.60 10.30
C TYR B 76 -5.86 4.08 10.48
N ALA B 77 -5.68 4.61 11.70
CA ALA B 77 -5.95 6.02 11.98
C ALA B 77 -4.67 6.86 11.88
N HIS B 78 -4.73 7.98 11.16
CA HIS B 78 -3.60 8.88 10.99
C HIS B 78 -3.87 10.25 11.62
N ALA B 79 -3.08 10.58 12.64
CA ALA B 79 -3.24 11.81 13.42
C ALA B 79 -2.52 13.01 12.80
N GLU B 80 -1.72 12.80 11.75
CA GLU B 80 -0.97 13.84 11.05
C GLU B 80 -1.16 13.62 9.56
N SER B 81 -0.84 14.65 8.78
CA SER B 81 -0.84 14.51 7.33
C SER B 81 0.03 13.33 6.86
N TYR B 82 1.21 13.16 7.46
CA TYR B 82 2.14 12.16 6.98
C TYR B 82 2.78 11.52 8.20
N GLY B 83 3.03 10.22 8.11
CA GLY B 83 3.74 9.54 9.17
C GLY B 83 3.11 8.25 9.64
N GLU B 84 3.45 7.88 10.86
CA GLU B 84 3.04 6.63 11.47
C GLU B 84 1.56 6.66 11.84
N SER B 85 0.84 5.57 11.58
CA SER B 85 -0.52 5.47 12.09
C SER B 85 -0.49 5.18 13.58
N TYR B 86 -1.63 5.31 14.25
CA TYR B 86 -1.80 4.66 15.55
C TYR B 86 -1.78 3.15 15.35
N SER B 87 -1.86 2.40 16.45
CA SER B 87 -2.01 0.93 16.36
C SER B 87 -3.31 0.60 15.63
N PRO B 88 -3.29 -0.21 14.57
CA PRO B 88 -4.50 -0.45 13.78
C PRO B 88 -5.46 -1.34 14.54
N ILE B 89 -6.69 -1.46 14.02
CA ILE B 89 -7.66 -2.39 14.59
C ILE B 89 -8.26 -3.20 13.45
N SER B 90 -8.55 -4.48 13.73
CA SER B 90 -8.80 -5.42 12.65
C SER B 90 -9.89 -6.39 13.05
N ILE B 91 -10.74 -6.80 12.08
CA ILE B 91 -11.79 -7.78 12.30
C ILE B 91 -11.90 -8.68 11.07
N ASN B 92 -12.53 -9.84 11.24
CA ASN B 92 -12.83 -10.79 10.16
C ASN B 92 -14.33 -10.94 10.01
N TYR B 93 -14.78 -11.15 8.78
CA TYR B 93 -16.22 -11.34 8.56
C TYR B 93 -16.42 -12.02 7.23
N ARG B 94 -17.41 -12.93 7.17
CA ARG B 94 -17.74 -13.70 5.97
C ARG B 94 -19.02 -13.15 5.35
N THR B 95 -18.99 -12.91 4.04
CA THR B 95 -20.18 -12.46 3.30
C THR B 95 -21.16 -13.61 2.95
#